data_9QFT
#
_entry.id   9QFT
#
_cell.length_a   72.890
_cell.length_b   72.890
_cell.length_c   150.720
_cell.angle_alpha   90.000
_cell.angle_beta   90.000
_cell.angle_gamma   90.000
#
_symmetry.space_group_name_H-M   'P 43 21 2'
#
loop_
_entity.id
_entity.type
_entity.pdbx_description
1 polymer 'Peptide deformylase 2'
2 non-polymer ACTINONIN
3 non-polymer 'NICKEL (II) ION'
4 water water
#
_entity_poly.entity_id   1
_entity_poly.type   'polypeptide(L)'
_entity_poly.pdbx_seq_one_letter_code
;MHHHHHHGSGSGSAVLEILTAPDPRLRVQSKQVTDVASVQTLIDDLLDTLYATDNGIGLAAPQVGREEAIVVIDLSDNRD
QPLVLINPKVVSGSNKEMGQEGCLSVPDYYADVERYTSVVVEALDREGKPLRIETSDFLAIVMQHEIDHLSGNLFIDYLS
PLKQQMAMKKVKKHVKNRAR
;
_entity_poly.pdbx_strand_id   G,D
#
loop_
_chem_comp.id
_chem_comp.type
_chem_comp.name
_chem_comp.formula
BB2 non-polymer ACTINONIN 'C19 H35 N3 O5'
NI non-polymer 'NICKEL (II) ION' 'Ni 2'
#
# COMPACT_ATOMS: atom_id res chain seq x y z
N SER A 13 5.10 10.58 -33.16
CA SER A 13 6.13 10.79 -32.15
C SER A 13 5.57 11.51 -30.93
N ALA A 14 6.25 11.38 -29.78
CA ALA A 14 5.67 11.89 -28.54
C ALA A 14 6.75 12.01 -27.48
N VAL A 15 6.53 12.95 -26.55
CA VAL A 15 7.25 12.96 -25.29
C VAL A 15 6.39 12.19 -24.29
N LEU A 16 6.92 11.13 -23.73
CA LEU A 16 6.15 10.25 -22.85
C LEU A 16 6.49 10.54 -21.40
N GLU A 17 5.48 10.48 -20.55
CA GLU A 17 5.61 10.66 -19.11
C GLU A 17 5.25 9.34 -18.42
N ILE A 18 6.02 8.93 -17.43
CA ILE A 18 5.66 7.70 -16.71
C ILE A 18 4.64 8.05 -15.63
N LEU A 19 3.47 7.45 -15.74
CA LEU A 19 2.37 7.73 -14.82
C LEU A 19 2.60 6.96 -13.51
N THR A 20 2.05 7.50 -12.43
CA THR A 20 2.21 6.87 -11.13
C THR A 20 0.85 6.64 -10.48
N ALA A 21 0.79 5.59 -9.65
CA ALA A 21 -0.44 5.28 -8.93
C ALA A 21 -0.78 6.39 -7.93
N PRO A 22 -2.07 6.66 -7.70
CA PRO A 22 -3.23 6.06 -8.34
C PRO A 22 -3.58 6.91 -9.54
N ASP A 23 -3.64 6.29 -10.68
CA ASP A 23 -3.98 6.94 -11.93
C ASP A 23 -4.76 5.89 -12.69
N PRO A 24 -6.04 6.13 -12.97
CA PRO A 24 -6.85 5.08 -13.60
C PRO A 24 -6.32 4.61 -14.93
N ARG A 25 -5.47 5.39 -15.60
CA ARG A 25 -4.90 4.92 -16.86
C ARG A 25 -3.97 3.74 -16.64
N LEU A 26 -3.41 3.60 -15.43
CA LEU A 26 -2.63 2.39 -15.12
C LEU A 26 -3.51 1.15 -14.98
N ARG A 27 -4.82 1.31 -14.90
CA ARG A 27 -5.75 0.21 -14.67
C ARG A 27 -6.49 -0.20 -15.92
N VAL A 28 -6.18 0.40 -17.07
CA VAL A 28 -6.85 0.09 -18.32
C VAL A 28 -6.36 -1.25 -18.84
N GLN A 29 -7.28 -2.03 -19.43
CA GLN A 29 -6.89 -3.22 -20.17
C GLN A 29 -6.33 -2.82 -21.53
N SER A 30 -5.11 -3.28 -21.83
CA SER A 30 -4.46 -2.94 -23.10
C SER A 30 -5.17 -3.61 -24.26
N LYS A 31 -5.01 -3.01 -25.45
CA LYS A 31 -5.57 -3.53 -26.69
C LYS A 31 -4.49 -4.22 -27.52
N GLN A 32 -4.84 -5.35 -28.11
CA GLN A 32 -3.88 -6.05 -28.96
C GLN A 32 -3.47 -5.15 -30.12
N VAL A 33 -2.22 -5.27 -30.55
CA VAL A 33 -1.72 -4.49 -31.70
C VAL A 33 -2.05 -5.26 -32.96
N THR A 34 -2.73 -4.62 -33.89
CA THR A 34 -3.06 -5.22 -35.18
C THR A 34 -2.32 -4.57 -36.35
N ASP A 35 -1.61 -3.47 -36.12
CA ASP A 35 -0.87 -2.74 -37.15
C ASP A 35 0.52 -2.48 -36.58
N VAL A 36 1.45 -3.41 -36.83
CA VAL A 36 2.78 -3.29 -36.23
C VAL A 36 3.53 -2.08 -36.78
N ALA A 37 3.32 -1.76 -38.06
CA ALA A 37 4.01 -0.59 -38.61
C ALA A 37 3.60 0.67 -37.88
N SER A 38 2.38 0.74 -37.37
CA SER A 38 1.87 1.96 -36.77
C SER A 38 2.42 2.22 -35.37
N VAL A 39 3.11 1.27 -34.76
CA VAL A 39 3.60 1.46 -33.39
C VAL A 39 5.13 1.59 -33.33
N GLN A 40 5.82 1.72 -34.47
CA GLN A 40 7.27 1.79 -34.41
C GLN A 40 7.75 3.04 -33.67
N THR A 41 7.07 4.17 -33.90
CA THR A 41 7.45 5.40 -33.21
C THR A 41 7.24 5.29 -31.70
N LEU A 42 6.12 4.70 -31.29
CA LEU A 42 5.87 4.46 -29.86
C LEU A 42 6.94 3.57 -29.24
N ILE A 43 7.36 2.53 -29.95
CA ILE A 43 8.38 1.63 -29.41
C ILE A 43 9.67 2.40 -29.17
N ASP A 44 10.10 3.20 -30.16
CA ASP A 44 11.33 3.97 -29.97
C ASP A 44 11.18 4.99 -28.86
N ASP A 45 9.98 5.61 -28.72
CA ASP A 45 9.75 6.54 -27.63
C ASP A 45 9.76 5.84 -26.28
N LEU A 46 9.15 4.65 -26.20
CA LEU A 46 9.18 3.89 -24.94
C LEU A 46 10.61 3.55 -24.54
N LEU A 47 11.42 3.10 -25.50
CA LEU A 47 12.82 2.80 -25.22
C LEU A 47 13.58 4.03 -24.73
N ASP A 48 13.41 5.18 -25.41
CA ASP A 48 14.06 6.41 -24.96
C ASP A 48 13.62 6.76 -23.53
N THR A 49 12.33 6.63 -23.25
CA THR A 49 11.82 6.95 -21.91
C THR A 49 12.38 6.01 -20.85
N LEU A 50 12.47 4.71 -21.16
CA LEU A 50 13.07 3.78 -20.22
C LEU A 50 14.53 4.13 -19.98
N TYR A 51 15.26 4.46 -21.05
CA TYR A 51 16.67 4.78 -20.93
C TYR A 51 16.93 6.10 -20.23
N ALA A 52 15.90 6.95 -20.06
CA ALA A 52 16.05 8.17 -19.31
C ALA A 52 15.87 7.98 -17.81
N THR A 53 15.44 6.80 -17.37
CA THR A 53 15.36 6.53 -15.93
C THR A 53 16.73 6.12 -15.41
N ASP A 54 16.96 6.37 -14.12
CA ASP A 54 18.25 5.93 -13.56
C ASP A 54 18.31 4.42 -13.40
N ASN A 55 17.18 3.78 -13.11
CA ASN A 55 17.18 2.43 -12.57
C ASN A 55 16.21 1.46 -13.26
N GLY A 56 15.38 1.93 -14.20
CA GLY A 56 14.39 1.04 -14.78
C GLY A 56 14.98 0.03 -15.74
N ILE A 57 14.36 -1.15 -15.79
CA ILE A 57 14.78 -2.22 -16.69
C ILE A 57 13.67 -2.68 -17.62
N GLY A 58 12.47 -2.11 -17.50
CA GLY A 58 11.36 -2.41 -18.38
C GLY A 58 10.33 -1.32 -18.28
N LEU A 59 9.45 -1.27 -19.28
CA LEU A 59 8.40 -0.27 -19.33
C LEU A 59 7.29 -0.81 -20.22
N ALA A 60 6.04 -0.68 -19.75
CA ALA A 60 4.88 -1.11 -20.50
C ALA A 60 4.08 0.10 -20.99
N ALA A 61 3.51 0.00 -22.19
CA ALA A 61 2.78 1.13 -22.76
C ALA A 61 1.72 1.75 -21.83
N PRO A 62 0.91 1.00 -21.06
CA PRO A 62 -0.04 1.67 -20.17
C PRO A 62 0.62 2.59 -19.15
N GLN A 63 1.90 2.36 -18.82
CA GLN A 63 2.58 3.22 -17.87
C GLN A 63 2.86 4.60 -18.46
N VAL A 64 2.77 4.77 -19.77
CA VAL A 64 2.86 6.11 -20.35
C VAL A 64 1.52 6.56 -20.92
N GLY A 65 0.43 5.93 -20.51
CA GLY A 65 -0.89 6.34 -20.95
C GLY A 65 -1.30 5.85 -22.33
N ARG A 66 -0.60 4.90 -22.91
CA ARG A 66 -0.99 4.34 -24.20
C ARG A 66 -1.61 2.97 -23.99
N GLU A 67 -2.64 2.65 -24.77
CA GLU A 67 -3.38 1.42 -24.53
C GLU A 67 -2.87 0.23 -25.35
N GLU A 68 -1.77 0.38 -26.08
CA GLU A 68 -1.32 -0.73 -26.91
C GLU A 68 -0.59 -1.78 -26.07
N ALA A 69 -0.75 -3.05 -26.46
CA ALA A 69 -0.13 -4.17 -25.73
C ALA A 69 1.33 -4.28 -26.15
N ILE A 70 2.16 -3.40 -25.55
CA ILE A 70 3.57 -3.29 -25.92
C ILE A 70 4.40 -3.15 -24.66
N VAL A 71 5.49 -3.88 -24.62
CA VAL A 71 6.43 -3.85 -23.49
C VAL A 71 7.84 -3.74 -24.05
N VAL A 72 8.69 -2.98 -23.37
CA VAL A 72 10.11 -2.94 -23.71
C VAL A 72 10.91 -3.24 -22.44
N ILE A 73 12.01 -3.97 -22.63
CA ILE A 73 12.84 -4.49 -21.54
C ILE A 73 14.30 -4.31 -21.93
N ASP A 74 15.13 -3.92 -20.96
CA ASP A 74 16.56 -3.96 -21.21
C ASP A 74 17.23 -4.26 -19.88
N LEU A 75 17.78 -5.46 -19.76
CA LEU A 75 18.41 -5.90 -18.52
C LEU A 75 19.90 -5.64 -18.52
N SER A 76 20.44 -5.05 -19.58
CA SER A 76 21.90 -4.99 -19.72
C SER A 76 22.49 -3.80 -18.97
N ASP A 77 23.74 -3.95 -18.56
CA ASP A 77 24.43 -2.89 -17.84
C ASP A 77 24.55 -1.63 -18.70
N ASN A 78 24.93 -1.78 -19.95
CA ASN A 78 25.15 -0.64 -20.82
C ASN A 78 23.89 -0.18 -21.55
N ARG A 79 22.75 -0.85 -21.34
CA ARG A 79 21.48 -0.51 -21.98
C ARG A 79 21.61 -0.50 -23.51
N ASP A 80 22.17 -1.60 -24.03
CA ASP A 80 22.33 -1.80 -25.47
C ASP A 80 21.79 -3.17 -25.88
N GLN A 81 20.83 -3.70 -25.12
CA GLN A 81 20.20 -4.99 -25.41
C GLN A 81 18.69 -4.84 -25.31
N PRO A 82 18.09 -3.99 -26.14
CA PRO A 82 16.64 -3.79 -26.01
C PRO A 82 15.88 -5.05 -26.43
N LEU A 83 14.87 -5.39 -25.65
CA LEU A 83 13.92 -6.46 -26.00
C LEU A 83 12.54 -5.85 -26.16
N VAL A 84 11.88 -6.10 -27.28
CA VAL A 84 10.57 -5.52 -27.55
C VAL A 84 9.55 -6.63 -27.69
N LEU A 85 8.44 -6.52 -26.96
CA LEU A 85 7.41 -7.55 -26.95
C LEU A 85 6.08 -6.92 -27.33
N ILE A 86 5.52 -7.33 -28.46
CA ILE A 86 4.18 -6.90 -28.86
C ILE A 86 3.20 -8.04 -28.63
N ASN A 87 2.05 -7.72 -28.05
CA ASN A 87 1.03 -8.70 -27.69
C ASN A 87 1.57 -9.89 -26.88
N PRO A 88 2.38 -9.63 -25.86
CA PRO A 88 2.96 -10.75 -25.09
C PRO A 88 1.92 -11.46 -24.23
N LYS A 89 2.15 -12.76 -24.07
CA LYS A 89 1.27 -13.64 -23.30
C LYS A 89 2.12 -14.71 -22.63
N VAL A 90 1.83 -15.02 -21.37
CA VAL A 90 2.46 -16.17 -20.72
C VAL A 90 1.77 -17.43 -21.21
N VAL A 91 2.52 -18.31 -21.87
CA VAL A 91 1.90 -19.53 -22.35
C VAL A 91 2.25 -20.72 -21.46
N SER A 92 3.31 -20.64 -20.66
CA SER A 92 3.52 -21.65 -19.64
C SER A 92 4.36 -21.03 -18.53
N GLY A 93 4.21 -21.55 -17.32
CA GLY A 93 5.02 -21.09 -16.21
C GLY A 93 4.97 -22.10 -15.09
N SER A 94 6.05 -22.16 -14.31
CA SER A 94 6.08 -23.09 -13.18
C SER A 94 7.06 -22.60 -12.12
N ASN A 95 7.05 -23.27 -10.97
CA ASN A 95 8.04 -23.04 -9.92
C ASN A 95 7.93 -21.62 -9.36
N LYS A 96 6.79 -21.36 -8.73
CA LYS A 96 6.57 -20.05 -8.13
C LYS A 96 7.54 -19.80 -6.98
N GLU A 97 8.07 -18.59 -6.91
CA GLU A 97 8.90 -18.15 -5.78
C GLU A 97 8.67 -16.68 -5.49
N MET A 98 8.99 -16.29 -4.24
CA MET A 98 8.92 -14.89 -3.85
C MET A 98 10.20 -14.15 -4.25
N GLY A 99 10.03 -12.92 -4.73
CA GLY A 99 11.17 -12.07 -5.05
C GLY A 99 10.78 -10.61 -4.95
N GLN A 100 11.74 -9.79 -4.54
CA GLN A 100 11.47 -8.37 -4.40
C GLN A 100 11.20 -7.74 -5.75
N GLU A 101 10.19 -6.87 -5.79
CA GLU A 101 9.95 -6.04 -6.98
C GLU A 101 9.74 -4.59 -6.58
N GLY A 102 10.11 -3.70 -7.50
CA GLY A 102 9.69 -2.32 -7.46
C GLY A 102 9.12 -1.96 -8.83
N CYS A 103 8.55 -0.78 -8.92
CA CYS A 103 7.84 -0.40 -10.14
C CYS A 103 7.97 1.09 -10.40
N LEU A 104 8.25 1.46 -11.66
CA LEU A 104 8.37 2.88 -11.99
C LEU A 104 7.07 3.62 -11.75
N SER A 105 5.94 2.93 -11.80
CA SER A 105 4.65 3.52 -11.52
C SER A 105 4.26 3.41 -10.05
N VAL A 106 5.04 2.73 -9.22
CA VAL A 106 4.80 2.74 -7.76
C VAL A 106 6.13 3.14 -7.11
N PRO A 107 6.63 4.34 -7.39
CA PRO A 107 8.01 4.65 -7.03
C PRO A 107 8.23 4.66 -5.54
N ASP A 108 9.41 4.19 -5.13
CA ASP A 108 9.92 4.16 -3.76
C ASP A 108 9.23 3.13 -2.86
N TYR A 109 8.49 2.20 -3.42
CA TYR A 109 7.95 1.09 -2.63
C TYR A 109 8.44 -0.24 -3.20
N TYR A 110 8.88 -1.14 -2.33
CA TYR A 110 9.39 -2.45 -2.75
C TYR A 110 8.80 -3.54 -1.87
N ALA A 111 8.48 -4.69 -2.46
CA ALA A 111 7.89 -5.78 -1.68
C ALA A 111 8.12 -7.09 -2.41
N ASP A 112 8.05 -8.19 -1.66
CA ASP A 112 8.19 -9.49 -2.28
C ASP A 112 6.89 -9.90 -2.95
N VAL A 113 7.00 -10.42 -4.17
CA VAL A 113 5.87 -10.81 -5.00
C VAL A 113 6.17 -12.19 -5.56
N GLU A 114 5.13 -13.04 -5.65
CA GLU A 114 5.27 -14.40 -6.16
C GLU A 114 5.18 -14.39 -7.68
N ARG A 115 6.14 -15.03 -8.35
CA ARG A 115 6.15 -15.18 -9.80
C ARG A 115 6.63 -16.58 -10.17
N TYR A 116 6.27 -17.03 -11.36
CA TYR A 116 6.91 -18.23 -11.88
C TYR A 116 8.39 -17.94 -12.12
N THR A 117 9.27 -18.88 -11.77
CA THR A 117 10.67 -18.66 -12.10
C THR A 117 11.10 -19.33 -13.40
N SER A 118 10.23 -20.12 -14.02
CA SER A 118 10.42 -20.65 -15.36
C SER A 118 9.18 -20.28 -16.13
N VAL A 119 9.34 -19.68 -17.30
CA VAL A 119 8.19 -19.18 -18.04
CA VAL A 119 8.19 -19.15 -18.04
C VAL A 119 8.47 -19.33 -19.52
N VAL A 120 7.41 -19.46 -20.31
CA VAL A 120 7.49 -19.28 -21.77
C VAL A 120 6.53 -18.16 -22.11
N VAL A 121 7.03 -17.15 -22.83
CA VAL A 121 6.22 -16.02 -23.27
C VAL A 121 6.20 -16.03 -24.79
N GLU A 122 5.01 -15.88 -25.37
CA GLU A 122 4.87 -15.69 -26.81
C GLU A 122 4.42 -14.27 -27.09
N ALA A 123 4.97 -13.68 -28.16
CA ALA A 123 4.74 -12.29 -28.52
C ALA A 123 5.09 -12.14 -29.98
N LEU A 124 5.05 -10.90 -30.47
CA LEU A 124 5.66 -10.52 -31.74
C LEU A 124 6.85 -9.64 -31.40
N ASP A 125 7.93 -9.78 -32.17
CA ASP A 125 9.04 -8.84 -32.03
C ASP A 125 8.69 -7.53 -32.72
N ARG A 126 9.62 -6.57 -32.72
CA ARG A 126 9.20 -5.25 -33.19
C ARG A 126 8.97 -5.24 -34.70
N GLU A 127 9.39 -6.26 -35.41
CA GLU A 127 9.09 -6.33 -36.83
C GLU A 127 7.82 -7.13 -37.09
N GLY A 128 7.12 -7.55 -36.04
CA GLY A 128 5.88 -8.28 -36.23
C GLY A 128 6.06 -9.76 -36.41
N LYS A 129 7.31 -10.32 -36.23
CA LYS A 129 7.53 -11.74 -36.42
C LYS A 129 7.32 -12.48 -35.10
N PRO A 130 6.84 -13.72 -35.19
CA PRO A 130 6.57 -14.49 -33.95
C PRO A 130 7.83 -14.62 -33.13
N LEU A 131 7.65 -14.52 -31.82
CA LEU A 131 8.74 -14.57 -30.86
C LEU A 131 8.29 -15.45 -29.72
N ARG A 132 9.13 -16.40 -29.35
CA ARG A 132 8.81 -17.31 -28.25
C ARG A 132 10.05 -17.37 -27.37
N ILE A 133 9.94 -16.85 -26.15
CA ILE A 133 11.06 -16.78 -25.22
C ILE A 133 10.83 -17.77 -24.10
N GLU A 134 11.78 -18.69 -23.91
CA GLU A 134 11.72 -19.68 -22.83
C GLU A 134 12.86 -19.36 -21.86
N THR A 135 12.52 -19.07 -20.60
CA THR A 135 13.58 -18.59 -19.73
C THR A 135 13.32 -19.00 -18.29
N SER A 136 14.41 -19.30 -17.60
CA SER A 136 14.42 -19.45 -16.14
C SER A 136 15.29 -18.38 -15.52
N ASP A 137 15.63 -17.35 -16.29
CA ASP A 137 16.47 -16.24 -15.87
C ASP A 137 15.62 -15.19 -15.14
N PHE A 138 16.26 -14.15 -14.61
CA PHE A 138 15.51 -13.03 -14.03
C PHE A 138 14.58 -12.40 -15.06
N LEU A 139 14.88 -12.54 -16.35
CA LEU A 139 13.99 -12.07 -17.42
C LEU A 139 12.57 -12.61 -17.25
N ALA A 140 12.44 -13.84 -16.76
CA ALA A 140 11.11 -14.42 -16.53
C ALA A 140 10.29 -13.54 -15.60
N ILE A 141 10.92 -13.06 -14.51
CA ILE A 141 10.21 -12.21 -13.55
C ILE A 141 9.84 -10.88 -14.19
N VAL A 142 10.79 -10.29 -14.91
CA VAL A 142 10.56 -8.99 -15.52
C VAL A 142 9.43 -9.08 -16.54
N MET A 143 9.43 -10.13 -17.37
CA MET A 143 8.33 -10.23 -18.33
C MET A 143 6.99 -10.36 -17.64
N GLN A 144 6.91 -11.12 -16.52
CA GLN A 144 5.62 -11.27 -15.86
C GLN A 144 5.16 -9.95 -15.29
N HIS A 145 6.08 -9.17 -14.72
CA HIS A 145 5.72 -7.86 -14.20
C HIS A 145 5.18 -6.96 -15.29
N GLU A 146 5.87 -6.91 -16.44
CA GLU A 146 5.43 -6.05 -17.53
C GLU A 146 4.10 -6.52 -18.12
N ILE A 147 3.94 -7.83 -18.30
CA ILE A 147 2.68 -8.36 -18.85
C ILE A 147 1.52 -8.05 -17.92
N ASP A 148 1.78 -8.06 -16.60
CA ASP A 148 0.73 -7.66 -15.66
C ASP A 148 0.22 -6.25 -15.91
N HIS A 149 1.12 -5.32 -16.27
CA HIS A 149 0.72 -3.95 -16.57
C HIS A 149 -0.29 -3.91 -17.70
N LEU A 150 -0.19 -4.83 -18.65
CA LEU A 150 -1.08 -4.82 -19.81
C LEU A 150 -2.49 -5.24 -19.44
N SER A 151 -2.69 -5.91 -18.30
CA SER A 151 -4.04 -6.18 -17.84
C SER A 151 -4.43 -5.24 -16.70
N GLY A 152 -3.74 -4.11 -16.59
CA GLY A 152 -4.08 -3.08 -15.62
C GLY A 152 -3.74 -3.47 -14.19
N ASN A 153 -2.78 -4.37 -13.98
CA ASN A 153 -2.38 -4.80 -12.65
C ASN A 153 -1.04 -4.20 -12.25
N LEU A 154 -0.92 -3.85 -10.98
CA LEU A 154 0.32 -3.42 -10.36
C LEU A 154 0.74 -4.46 -9.34
N PHE A 155 2.05 -4.56 -9.06
CA PHE A 155 2.50 -5.63 -8.18
C PHE A 155 1.93 -5.48 -6.76
N ILE A 156 1.56 -4.27 -6.34
CA ILE A 156 0.99 -4.14 -5.00
C ILE A 156 -0.41 -4.76 -4.90
N ASP A 157 -1.06 -5.04 -6.04
CA ASP A 157 -2.35 -5.71 -6.01
C ASP A 157 -2.29 -7.09 -5.35
N TYR A 158 -1.13 -7.72 -5.30
CA TYR A 158 -0.98 -9.02 -4.68
C TYR A 158 -0.76 -8.94 -3.17
N LEU A 159 -0.66 -7.75 -2.62
CA LEU A 159 -0.27 -7.56 -1.23
C LEU A 159 -1.50 -7.34 -0.36
N SER A 160 -1.26 -7.40 0.95
CA SER A 160 -2.31 -7.17 1.92
C SER A 160 -2.84 -5.74 1.79
N PRO A 161 -4.09 -5.49 2.21
CA PRO A 161 -4.61 -4.12 2.21
C PRO A 161 -3.72 -3.15 2.98
N LEU A 162 -3.16 -3.56 4.11
CA LEU A 162 -2.26 -2.69 4.85
C LEU A 162 -1.05 -2.32 4.00
N LYS A 163 -0.44 -3.29 3.33
CA LYS A 163 0.73 -2.97 2.50
C LYS A 163 0.34 -2.08 1.34
N GLN A 164 -0.86 -2.24 0.78
CA GLN A 164 -1.29 -1.37 -0.31
C GLN A 164 -1.46 0.06 0.18
N GLN A 165 -2.01 0.26 1.37
CA GLN A 165 -2.06 1.62 1.90
C GLN A 165 -0.67 2.17 2.14
N MET A 166 0.23 1.33 2.66
CA MET A 166 1.61 1.77 2.91
C MET A 166 2.26 2.20 1.61
N ALA A 167 2.06 1.44 0.54
CA ALA A 167 2.67 1.75 -0.74
C ALA A 167 2.16 3.09 -1.27
N MET A 168 0.83 3.29 -1.25
CA MET A 168 0.24 4.52 -1.78
C MET A 168 0.74 5.75 -1.03
N LYS A 169 0.89 5.63 0.29
CA LYS A 169 1.45 6.72 1.08
C LYS A 169 2.87 7.03 0.63
N LYS A 170 3.69 6.00 0.43
CA LYS A 170 5.09 6.21 0.02
C LYS A 170 5.14 6.83 -1.37
N VAL A 171 4.30 6.35 -2.31
CA VAL A 171 4.27 6.93 -3.64
C VAL A 171 3.91 8.41 -3.59
N LYS A 172 2.83 8.75 -2.88
CA LYS A 172 2.39 10.13 -2.81
C LYS A 172 3.52 11.05 -2.36
N LYS A 173 4.24 10.64 -1.32
CA LYS A 173 5.33 11.46 -0.80
C LYS A 173 6.47 11.56 -1.78
N HIS A 174 6.86 10.45 -2.41
CA HIS A 174 7.96 10.49 -3.37
C HIS A 174 7.62 11.42 -4.52
N VAL A 175 6.39 11.33 -5.03
CA VAL A 175 6.00 12.16 -6.17
C VAL A 175 5.98 13.63 -5.76
N LYS A 176 5.48 13.93 -4.56
CA LYS A 176 5.42 15.32 -4.12
C LYS A 176 6.80 15.94 -3.96
N ASN A 177 7.79 15.16 -3.52
CA ASN A 177 9.12 15.67 -3.19
C ASN A 177 10.13 15.52 -4.33
N ARG A 178 9.74 14.88 -5.44
CA ARG A 178 10.63 14.70 -6.57
C ARG A 178 11.18 16.05 -7.04
N ALA A 179 12.48 16.08 -7.33
CA ALA A 179 13.04 17.28 -7.92
C ALA A 179 12.76 17.30 -9.43
N ARG A 180 12.82 18.49 -10.00
CA ARG A 180 12.60 18.70 -11.43
C ARG A 180 13.45 17.77 -12.31
N VAL B 15 -11.88 -12.75 24.30
CA VAL B 15 -12.22 -11.79 23.25
C VAL B 15 -13.44 -10.96 23.66
N LEU B 16 -13.25 -9.64 23.65
CA LEU B 16 -14.20 -8.64 24.10
C LEU B 16 -14.96 -8.09 22.90
N GLU B 17 -16.06 -7.38 23.16
CA GLU B 17 -16.86 -6.86 22.07
C GLU B 17 -16.50 -5.41 21.77
N ILE B 18 -16.37 -5.11 20.48
CA ILE B 18 -16.00 -3.79 19.98
C ILE B 18 -17.25 -2.95 19.75
N LEU B 19 -17.33 -1.81 20.45
CA LEU B 19 -18.48 -0.94 20.32
C LEU B 19 -18.41 -0.09 19.05
N THR B 20 -19.59 0.29 18.57
CA THR B 20 -19.73 1.05 17.32
C THR B 20 -20.47 2.35 17.56
N ALA B 21 -20.14 3.35 16.76
CA ALA B 21 -20.83 4.62 16.81
C ALA B 21 -22.28 4.45 16.37
N PRO B 22 -23.22 5.19 16.98
CA PRO B 22 -23.03 6.12 18.09
C PRO B 22 -23.14 5.41 19.43
N ASP B 23 -22.11 5.58 20.25
CA ASP B 23 -22.07 4.99 21.57
C ASP B 23 -21.29 5.94 22.46
N PRO B 24 -21.92 6.52 23.49
CA PRO B 24 -21.24 7.53 24.31
C PRO B 24 -19.98 7.02 24.99
N ARG B 25 -19.82 5.71 25.14
CA ARG B 25 -18.59 5.17 25.71
C ARG B 25 -17.41 5.38 24.78
N LEU B 26 -17.64 5.54 23.48
CA LEU B 26 -16.56 5.90 22.56
C LEU B 26 -16.14 7.35 22.74
N ARG B 27 -16.91 8.15 23.47
CA ARG B 27 -16.60 9.56 23.67
C ARG B 27 -16.01 9.83 25.04
N VAL B 28 -15.73 8.79 25.83
CA VAL B 28 -15.19 8.98 27.17
C VAL B 28 -13.75 9.44 27.06
N GLN B 29 -13.37 10.38 27.93
CA GLN B 29 -11.97 10.75 28.07
C GLN B 29 -11.28 9.68 28.90
N SER B 30 -10.22 9.08 28.35
CA SER B 30 -9.55 7.99 29.04
C SER B 30 -8.81 8.51 30.27
N LYS B 31 -8.62 7.61 31.23
CA LYS B 31 -7.92 7.92 32.47
C LYS B 31 -6.51 7.35 32.41
N GLN B 32 -5.54 8.14 32.90
CA GLN B 32 -4.16 7.67 32.93
C GLN B 32 -4.02 6.42 33.79
N VAL B 33 -3.10 5.55 33.37
CA VAL B 33 -2.77 4.35 34.12
C VAL B 33 -1.63 4.65 35.10
N THR B 34 -1.85 4.33 36.37
CA THR B 34 -0.82 4.52 37.39
C THR B 34 -0.28 3.21 37.93
N ASP B 35 -0.94 2.08 37.68
CA ASP B 35 -0.54 0.80 38.28
C ASP B 35 -0.50 -0.20 37.13
N VAL B 36 0.69 -0.39 36.55
CA VAL B 36 0.83 -1.16 35.33
C VAL B 36 0.46 -2.63 35.52
N ALA B 37 0.71 -3.19 36.70
CA ALA B 37 0.39 -4.61 36.92
C ALA B 37 -1.10 -4.89 36.81
N SER B 38 -1.95 -3.93 37.19
CA SER B 38 -3.38 -4.19 37.24
C SER B 38 -4.04 -4.19 35.87
N VAL B 39 -3.33 -3.74 34.83
CA VAL B 39 -3.87 -3.66 33.49
C VAL B 39 -3.24 -4.71 32.58
N GLN B 40 -2.44 -5.62 33.14
CA GLN B 40 -1.79 -6.64 32.32
C GLN B 40 -2.81 -7.59 31.71
N THR B 41 -3.87 -7.90 32.46
CA THR B 41 -4.92 -8.77 31.92
C THR B 41 -5.64 -8.08 30.76
N LEU B 42 -5.90 -6.79 30.89
CA LEU B 42 -6.55 -6.04 29.81
C LEU B 42 -5.69 -6.01 28.55
N ILE B 43 -4.36 -5.90 28.70
CA ILE B 43 -3.49 -5.84 27.52
C ILE B 43 -3.62 -7.11 26.68
N ASP B 44 -3.57 -8.27 27.33
CA ASP B 44 -3.72 -9.53 26.61
C ASP B 44 -5.12 -9.67 26.03
N ASP B 45 -6.13 -9.16 26.74
CA ASP B 45 -7.49 -9.15 26.23
C ASP B 45 -7.61 -8.27 24.98
N LEU B 46 -7.00 -7.08 25.00
CA LEU B 46 -7.01 -6.24 23.82
C LEU B 46 -6.32 -6.91 22.65
N LEU B 47 -5.17 -7.54 22.90
CA LEU B 47 -4.45 -8.24 21.84
C LEU B 47 -5.28 -9.37 21.25
N ASP B 48 -5.89 -10.20 22.10
CA ASP B 48 -6.74 -11.27 21.60
C ASP B 48 -7.89 -10.72 20.77
N THR B 49 -8.52 -9.64 21.24
CA THR B 49 -9.64 -9.04 20.52
C THR B 49 -9.22 -8.47 19.17
N LEU B 50 -8.06 -7.81 19.11
CA LEU B 50 -7.57 -7.33 17.82
C LEU B 50 -7.24 -8.48 16.89
N TYR B 51 -6.55 -9.50 17.40
CA TYR B 51 -6.18 -10.63 16.58
C TYR B 51 -7.38 -11.48 16.16
N ALA B 52 -8.54 -11.29 16.77
CA ALA B 52 -9.76 -11.97 16.34
C ALA B 52 -10.49 -11.24 15.22
N THR B 53 -10.06 -10.03 14.87
CA THR B 53 -10.63 -9.32 13.75
C THR B 53 -10.03 -9.81 12.44
N ASP B 54 -10.78 -9.61 11.35
CA ASP B 54 -10.28 -9.99 10.03
C ASP B 54 -9.15 -9.07 9.59
N ASN B 55 -9.28 -7.77 9.91
CA ASN B 55 -8.55 -6.74 9.21
C ASN B 55 -7.93 -5.67 10.10
N GLY B 56 -8.17 -5.70 11.41
CA GLY B 56 -7.70 -4.62 12.27
C GLY B 56 -6.20 -4.64 12.49
N ILE B 57 -5.63 -3.44 12.66
CA ILE B 57 -4.20 -3.29 12.93
C ILE B 57 -3.94 -2.56 14.24
N GLY B 58 -4.97 -2.11 14.92
CA GLY B 58 -4.82 -1.49 16.22
C GLY B 58 -6.14 -1.51 16.94
N LEU B 59 -6.08 -1.29 18.26
CA LEU B 59 -7.28 -1.28 19.07
C LEU B 59 -7.02 -0.46 20.31
N ALA B 60 -7.97 0.40 20.66
CA ALA B 60 -7.89 1.24 21.85
C ALA B 60 -8.93 0.81 22.89
N ALA B 61 -8.57 0.95 24.16
CA ALA B 61 -9.44 0.53 25.26
C ALA B 61 -10.86 1.08 25.22
N PRO B 62 -11.13 2.36 24.89
CA PRO B 62 -12.53 2.80 24.82
C PRO B 62 -13.38 2.01 23.83
N GLN B 63 -12.76 1.35 22.85
CA GLN B 63 -13.48 0.56 21.87
C GLN B 63 -14.02 -0.74 22.45
N VAL B 64 -13.55 -1.15 23.61
CA VAL B 64 -14.12 -2.27 24.35
C VAL B 64 -14.77 -1.80 25.64
N GLY B 65 -15.12 -0.51 25.71
CA GLY B 65 -15.86 0.04 26.83
C GLY B 65 -15.07 0.31 28.09
N ARG B 66 -13.74 0.34 28.00
CA ARG B 66 -12.87 0.60 29.14
C ARG B 66 -12.28 2.02 29.04
N GLU B 67 -12.09 2.66 30.19
CA GLU B 67 -11.67 4.06 30.26
C GLU B 67 -10.17 4.22 30.52
N GLU B 68 -9.39 3.13 30.56
CA GLU B 68 -7.96 3.20 30.80
C GLU B 68 -7.24 3.60 29.51
N ALA B 69 -6.14 4.36 29.66
CA ALA B 69 -5.37 4.90 28.52
C ALA B 69 -4.38 3.86 28.00
N ILE B 70 -4.88 2.95 27.17
CA ILE B 70 -4.09 1.82 26.66
C ILE B 70 -4.40 1.58 25.18
N VAL B 71 -3.36 1.35 24.38
CA VAL B 71 -3.46 1.09 22.95
C VAL B 71 -2.58 -0.10 22.58
N VAL B 72 -3.04 -0.92 21.61
CA VAL B 72 -2.23 -2.00 21.03
C VAL B 72 -2.24 -1.89 19.50
N ILE B 73 -1.09 -2.19 18.88
CA ILE B 73 -0.90 -2.03 17.43
C ILE B 73 -0.12 -3.24 16.90
N ASP B 74 -0.49 -3.73 15.72
CA ASP B 74 0.34 -4.75 15.06
C ASP B 74 0.26 -4.54 13.54
N LEU B 75 1.36 -4.07 12.96
CA LEU B 75 1.47 -3.79 11.53
C LEU B 75 2.14 -4.91 10.73
N SER B 76 2.41 -6.06 11.33
CA SER B 76 3.17 -7.11 10.66
C SER B 76 2.22 -8.02 9.88
N ASP B 77 2.76 -8.65 8.84
CA ASP B 77 1.95 -9.54 8.01
C ASP B 77 1.38 -10.69 8.84
N ASN B 78 2.22 -11.32 9.64
CA ASN B 78 1.82 -12.51 10.39
C ASN B 78 1.19 -12.17 11.72
N ARG B 79 1.03 -10.88 12.04
CA ARG B 79 0.46 -10.47 13.31
C ARG B 79 1.23 -11.07 14.48
N ASP B 80 2.58 -10.98 14.42
CA ASP B 80 3.44 -11.44 15.50
C ASP B 80 4.43 -10.38 15.96
N GLN B 81 4.11 -9.10 15.77
CA GLN B 81 4.91 -7.99 16.30
C GLN B 81 4.00 -6.99 16.99
N PRO B 82 3.43 -7.37 18.13
CA PRO B 82 2.56 -6.45 18.87
C PRO B 82 3.36 -5.29 19.45
N LEU B 83 2.76 -4.10 19.37
CA LEU B 83 3.27 -2.91 20.03
C LEU B 83 2.21 -2.49 21.05
N VAL B 84 2.63 -2.32 22.30
CA VAL B 84 1.72 -1.97 23.39
C VAL B 84 2.12 -0.61 23.91
N LEU B 85 1.15 0.31 23.98
CA LEU B 85 1.39 1.69 24.36
C LEU B 85 0.47 2.03 25.53
N ILE B 86 1.07 2.33 26.68
CA ILE B 86 0.35 2.77 27.86
C ILE B 86 0.60 4.26 28.06
N ASN B 87 -0.47 4.99 28.36
CA ASN B 87 -0.41 6.45 28.51
C ASN B 87 0.27 7.12 27.32
N PRO B 88 -0.09 6.74 26.10
CA PRO B 88 0.60 7.35 24.94
C PRO B 88 0.19 8.79 24.75
N LYS B 89 1.13 9.59 24.25
CA LYS B 89 0.90 11.01 24.04
C LYS B 89 1.70 11.42 22.81
N VAL B 90 1.08 12.19 21.93
CA VAL B 90 1.81 12.81 20.83
C VAL B 90 2.51 14.04 21.38
N VAL B 91 3.84 14.06 21.34
CA VAL B 91 4.57 15.23 21.81
C VAL B 91 5.17 16.08 20.69
N SER B 92 5.30 15.55 19.48
CA SER B 92 5.69 16.41 18.37
C SER B 92 5.05 15.86 17.11
N GLY B 93 4.79 16.76 16.15
CA GLY B 93 4.24 16.37 14.87
C GLY B 93 4.56 17.39 13.82
N SER B 94 4.68 16.94 12.57
CA SER B 94 4.87 17.86 11.47
C SER B 94 4.35 17.18 10.21
N ASN B 95 4.25 17.97 9.14
CA ASN B 95 3.95 17.43 7.79
C ASN B 95 2.59 16.74 7.73
N LYS B 96 1.54 17.50 7.98
CA LYS B 96 0.19 16.96 7.89
C LYS B 96 -0.11 16.59 6.45
N GLU B 97 -0.73 15.44 6.25
CA GLU B 97 -1.18 15.01 4.93
C GLU B 97 -2.49 14.27 5.08
N MET B 98 -3.23 14.20 3.97
CA MET B 98 -4.46 13.42 3.92
C MET B 98 -4.16 11.95 3.67
N GLY B 99 -4.88 11.08 4.36
CA GLY B 99 -4.77 9.65 4.13
C GLY B 99 -6.05 8.95 4.51
N GLN B 100 -6.38 7.88 3.79
CA GLN B 100 -7.59 7.13 4.09
C GLN B 100 -7.49 6.47 5.46
N GLU B 101 -8.57 6.52 6.22
CA GLU B 101 -8.66 5.72 7.44
C GLU B 101 -9.98 4.97 7.48
N GLY B 102 -9.95 3.82 8.15
CA GLY B 102 -11.16 3.15 8.60
C GLY B 102 -11.02 2.85 10.08
N CYS B 103 -12.12 2.42 10.69
CA CYS B 103 -12.14 2.24 12.13
C CYS B 103 -13.03 1.07 12.51
N LEU B 104 -12.54 0.23 13.42
CA LEU B 104 -13.35 -0.90 13.87
C LEU B 104 -14.64 -0.45 14.54
N SER B 105 -14.66 0.77 15.09
CA SER B 105 -15.85 1.31 15.74
C SER B 105 -16.74 2.12 14.79
N VAL B 106 -16.32 2.30 13.55
CA VAL B 106 -17.16 2.88 12.52
C VAL B 106 -17.10 1.92 11.33
N PRO B 107 -17.60 0.69 11.48
CA PRO B 107 -17.31 -0.36 10.49
C PRO B 107 -17.85 -0.02 9.11
N ASP B 108 -17.06 -0.37 8.10
CA ASP B 108 -17.37 -0.21 6.69
C ASP B 108 -17.39 1.25 6.25
N TYR B 109 -16.87 2.18 7.05
CA TYR B 109 -16.74 3.56 6.62
C TYR B 109 -15.27 3.92 6.48
N TYR B 110 -14.92 4.55 5.35
CA TYR B 110 -13.57 4.93 4.98
C TYR B 110 -13.59 6.33 4.37
N ALA B 111 -12.64 7.18 4.78
CA ALA B 111 -12.59 8.55 4.29
C ALA B 111 -11.20 9.11 4.53
N ASP B 112 -10.86 10.15 3.77
CA ASP B 112 -9.56 10.78 3.90
C ASP B 112 -9.56 11.74 5.09
N VAL B 113 -8.52 11.64 5.93
CA VAL B 113 -8.39 12.42 7.16
C VAL B 113 -6.95 12.92 7.29
N GLU B 114 -6.78 14.13 7.82
CA GLU B 114 -5.46 14.73 7.97
C GLU B 114 -4.77 14.25 9.24
N ARG B 115 -3.51 13.84 9.11
CA ARG B 115 -2.67 13.46 10.25
C ARG B 115 -1.27 14.00 10.05
N TYR B 116 -0.52 14.13 11.15
CA TYR B 116 0.91 14.35 11.00
C TYR B 116 1.52 13.13 10.33
N THR B 117 2.43 13.35 9.38
CA THR B 117 3.16 12.21 8.86
C THR B 117 4.54 12.04 9.50
N SER B 118 4.96 12.95 10.37
CA SER B 118 6.14 12.75 11.21
C SER B 118 5.69 13.04 12.62
N VAL B 119 5.93 12.10 13.53
CA VAL B 119 5.43 12.24 14.89
C VAL B 119 6.49 11.76 15.88
N VAL B 120 6.44 12.29 17.10
CA VAL B 120 7.12 11.69 18.24
C VAL B 120 6.06 11.35 19.27
N VAL B 121 6.01 10.10 19.70
CA VAL B 121 5.06 9.64 20.72
C VAL B 121 5.83 9.20 21.95
N GLU B 122 5.36 9.62 23.12
CA GLU B 122 5.87 9.14 24.41
C GLU B 122 4.83 8.23 25.03
N ALA B 123 5.30 7.13 25.64
CA ALA B 123 4.40 6.17 26.26
C ALA B 123 5.21 5.28 27.19
N LEU B 124 4.51 4.34 27.82
CA LEU B 124 5.14 3.24 28.53
C LEU B 124 4.85 1.93 27.79
N ASP B 125 5.82 1.02 27.78
CA ASP B 125 5.58 -0.32 27.28
C ASP B 125 4.80 -1.12 28.32
N ARG B 126 4.51 -2.39 28.02
CA ARG B 126 3.55 -3.14 28.83
C ARG B 126 4.06 -3.46 30.23
N GLU B 127 5.34 -3.33 30.50
CA GLU B 127 5.86 -3.45 31.85
C GLU B 127 6.19 -2.10 32.49
N GLY B 128 5.80 -1.00 31.84
CA GLY B 128 5.96 0.33 32.39
C GLY B 128 7.25 1.07 32.10
N LYS B 129 8.12 0.53 31.23
CA LYS B 129 9.26 1.43 31.15
C LYS B 129 9.08 2.47 30.06
N PRO B 130 9.65 3.67 30.22
CA PRO B 130 9.42 4.75 29.24
C PRO B 130 9.81 4.37 27.81
N LEU B 131 8.99 4.85 26.87
CA LEU B 131 9.18 4.51 25.47
C LEU B 131 8.97 5.78 24.65
N ARG B 132 9.86 6.02 23.70
CA ARG B 132 9.81 7.20 22.83
C ARG B 132 9.89 6.72 21.39
N ILE B 133 8.81 6.90 20.63
CA ILE B 133 8.75 6.41 19.25
C ILE B 133 8.78 7.61 18.31
N GLU B 134 9.81 7.70 17.49
CA GLU B 134 9.94 8.76 16.50
C GLU B 134 9.84 8.14 15.11
N THR B 135 8.80 8.50 14.36
CA THR B 135 8.57 7.77 13.12
C THR B 135 7.92 8.68 12.07
N SER B 136 8.31 8.45 10.82
CA SER B 136 7.65 9.05 9.67
C SER B 136 7.02 8.00 8.78
N ASP B 137 6.89 6.76 9.28
CA ASP B 137 6.30 5.63 8.58
C ASP B 137 4.79 5.60 8.80
N PHE B 138 4.14 4.57 8.24
CA PHE B 138 2.71 4.41 8.43
C PHE B 138 2.34 4.27 9.91
N LEU B 139 3.26 3.76 10.74
CA LEU B 139 3.03 3.69 12.18
C LEU B 139 2.63 5.04 12.76
N ALA B 140 3.13 6.14 12.20
CA ALA B 140 2.73 7.46 12.70
C ALA B 140 1.22 7.65 12.63
N ILE B 141 0.61 7.23 11.53
CA ILE B 141 -0.83 7.40 11.35
C ILE B 141 -1.58 6.54 12.35
N VAL B 142 -1.16 5.28 12.50
CA VAL B 142 -1.89 4.35 13.35
C VAL B 142 -1.86 4.83 14.80
N MET B 143 -0.70 5.30 15.25
CA MET B 143 -0.64 5.79 16.63
C MET B 143 -1.56 6.99 16.83
N GLN B 144 -1.62 7.91 15.88
CA GLN B 144 -2.49 9.07 16.05
C GLN B 144 -3.96 8.67 16.10
N HIS B 145 -4.38 7.75 15.21
CA HIS B 145 -5.75 7.27 15.22
C HIS B 145 -6.10 6.63 16.56
N GLU B 146 -5.22 5.75 17.07
CA GLU B 146 -5.50 5.10 18.34
C GLU B 146 -5.50 6.09 19.49
N ILE B 147 -4.51 6.99 19.52
CA ILE B 147 -4.46 7.94 20.62
C ILE B 147 -5.69 8.85 20.61
N ASP B 148 -6.21 9.18 19.42
CA ASP B 148 -7.44 9.97 19.34
C ASP B 148 -8.59 9.28 20.07
N HIS B 149 -8.66 7.95 19.98
CA HIS B 149 -9.71 7.24 20.69
C HIS B 149 -9.66 7.54 22.19
N LEU B 150 -8.45 7.74 22.75
CA LEU B 150 -8.33 7.92 24.19
C LEU B 150 -8.89 9.26 24.68
N SER B 151 -9.09 10.24 23.81
CA SER B 151 -9.83 11.43 24.22
C SER B 151 -11.25 11.42 23.64
N GLY B 152 -11.75 10.23 23.27
CA GLY B 152 -13.12 10.14 22.80
C GLY B 152 -13.35 10.71 21.42
N ASN B 153 -12.34 10.68 20.56
CA ASN B 153 -12.49 11.17 19.19
C ASN B 153 -12.51 10.00 18.22
N LEU B 154 -13.38 10.10 17.23
CA LEU B 154 -13.42 9.19 16.10
C LEU B 154 -12.99 9.97 14.86
N PHE B 155 -12.43 9.27 13.88
CA PHE B 155 -11.88 9.99 12.74
C PHE B 155 -12.95 10.73 11.95
N ILE B 156 -14.21 10.30 12.06
CA ILE B 156 -15.29 10.98 11.35
C ILE B 156 -15.58 12.37 11.92
N ASP B 157 -15.12 12.65 13.13
CA ASP B 157 -15.32 13.97 13.71
C ASP B 157 -14.65 15.07 12.91
N TYR B 158 -13.64 14.73 12.12
CA TYR B 158 -12.92 15.69 11.30
C TYR B 158 -13.55 15.92 9.94
N LEU B 159 -14.65 15.25 9.62
CA LEU B 159 -15.22 15.29 8.28
C LEU B 159 -16.41 16.25 8.22
N SER B 160 -16.84 16.54 6.99
CA SER B 160 -17.98 17.43 6.79
C SER B 160 -19.25 16.79 7.33
N PRO B 161 -20.25 17.59 7.69
CA PRO B 161 -21.53 17.01 8.15
C PRO B 161 -22.15 16.03 7.17
N LEU B 162 -22.10 16.32 5.87
CA LEU B 162 -22.65 15.39 4.88
C LEU B 162 -21.93 14.05 4.93
N LYS B 163 -20.60 14.07 5.08
CA LYS B 163 -19.85 12.83 5.19
C LYS B 163 -20.17 12.10 6.49
N GLN B 164 -20.32 12.84 7.59
CA GLN B 164 -20.63 12.22 8.88
C GLN B 164 -22.00 11.59 8.87
N GLN B 165 -22.94 12.24 8.19
CA GLN B 165 -24.30 11.71 8.03
C GLN B 165 -24.26 10.36 7.32
N MET B 166 -23.45 10.28 6.27
CA MET B 166 -23.27 9.03 5.53
C MET B 166 -22.68 7.94 6.39
N ALA B 167 -21.71 8.29 7.23
CA ALA B 167 -20.99 7.30 8.02
C ALA B 167 -21.94 6.48 8.86
N MET B 168 -22.86 7.17 9.54
CA MET B 168 -23.80 6.50 10.43
C MET B 168 -24.65 5.48 9.69
N LYS B 169 -25.10 5.81 8.48
CA LYS B 169 -25.88 4.87 7.69
C LYS B 169 -25.08 3.60 7.37
N LYS B 170 -23.81 3.76 6.99
CA LYS B 170 -22.97 2.63 6.62
C LYS B 170 -22.72 1.68 7.79
N VAL B 171 -22.46 2.23 8.98
CA VAL B 171 -22.19 1.41 10.15
C VAL B 171 -23.39 0.51 10.45
N LYS B 172 -24.60 1.08 10.44
CA LYS B 172 -25.80 0.33 10.77
C LYS B 172 -25.95 -0.92 9.92
N LYS B 173 -25.68 -0.82 8.61
CA LYS B 173 -25.87 -1.96 7.71
C LYS B 173 -24.92 -3.11 8.07
N HIS B 174 -23.72 -2.80 8.55
CA HIS B 174 -22.75 -3.81 8.96
C HIS B 174 -23.32 -4.80 9.98
C5 BB2 C . 9.86 -1.09 -14.20
C3 BB2 C . 8.36 -1.16 -14.32
O4 BB2 C . 7.62 -0.62 -13.51
N1 BB2 C . 7.90 -1.92 -15.32
O2 BB2 C . 6.53 -2.01 -15.39
C6 BB2 C . 10.42 -2.19 -13.26
C12 BB2 C . 11.74 -1.77 -12.69
O13 BB2 C . 12.69 -1.49 -13.41
C7 BB2 C . 10.62 -3.54 -13.99
C8 BB2 C . 11.20 -4.66 -13.09
C9 BB2 C . 10.13 -5.57 -12.51
C10 BB2 C . 10.60 -6.75 -11.64
C11 BB2 C . 11.78 -6.49 -10.69
N14 BB2 C . 11.76 -1.73 -11.33
C15 BB2 C . 12.94 -1.33 -10.58
C16 BB2 C . 12.67 -0.11 -9.68
C18 BB2 C . 11.91 1.01 -10.39
C17 BB2 C . 13.96 0.39 -9.06
C19 BB2 C . 13.37 -2.51 -9.72
O20 BB2 C . 12.58 -2.95 -8.93
N21 BB2 C . 14.61 -2.99 -9.86
C22 BB2 C . 15.07 -4.14 -9.05
C23 BB2 C . 15.64 -2.53 -10.79
C24 BB2 C . 16.40 -3.81 -11.09
C25 BB2 C . 16.35 -4.60 -9.78
C26 BB2 C . 15.31 -3.75 -7.59
O27 BB2 C . 14.14 -4.09 -6.85
NI NI D . 5.98 -1.75 -13.28
C5 BB2 E . -8.78 0.20 13.96
C3 BB2 E . -9.50 1.18 14.86
O4 BB2 E . -10.66 1.46 14.65
N1 BB2 E . -8.85 1.76 15.88
O2 BB2 E . -9.38 2.63 16.76
C6 BB2 E . -8.18 0.81 12.68
C12 BB2 E . -8.06 -0.27 11.61
O13 BB2 E . -7.39 -1.28 11.75
C7 BB2 E . -6.82 1.47 12.89
C8 BB2 E . -6.29 2.09 11.60
C9 BB2 E . -5.83 3.53 11.74
C10 BB2 E . -5.23 4.15 10.47
C11 BB2 E . -5.65 3.48 9.17
N14 BB2 E . -8.74 0.04 10.49
C15 BB2 E . -8.85 -0.78 9.31
C16 BB2 E . -10.34 -1.06 8.97
C18 BB2 E . -11.17 -1.48 10.18
C17 BB2 E . -10.46 -2.08 7.85
C19 BB2 E . -8.19 -0.07 8.14
O20 BB2 E . -8.55 1.05 7.79
N21 BB2 E . -7.24 -0.73 7.49
C22 BB2 E . -6.54 -0.13 6.35
C23 BB2 E . -6.72 -2.05 7.80
C24 BB2 E . -5.28 -1.97 7.36
C25 BB2 E . -5.31 -1.03 6.15
C26 BB2 E . -7.41 -0.06 5.10
O27 BB2 E . -7.50 -1.38 4.63
NI NI F . -10.49 3.35 15.40
#